data_7E8J
#
_entry.id   7E8J
#
_cell.length_a   33.276
_cell.length_b   108.694
_cell.length_c   115.184
_cell.angle_alpha   90.000
_cell.angle_beta   90.000
_cell.angle_gamma   90.000
#
_symmetry.space_group_name_H-M   'P 21 21 21'
#
loop_
_entity.id
_entity.type
_entity.pdbx_description
1 polymer 'RNA-free ribonuclease P'
2 water water
#
_entity_poly.entity_id   1
_entity_poly.type   'polypeptide(L)'
_entity_poly.pdbx_seq_one_letter_code
;GSGGGMRFVLDTSIFVNPEVRDRFGASPTEAMKTFLDYAGRLFGRVEFYMPPGIYREVVHFVDEEELLPGIELYIIKKPP
NVHDIRIPAFVVYELIEDVRRRIDKGLRVAEKAVRESVVETDNVDKIIQKLRRNYRRALREGIVDSKEDFELILLAKELD
ATIVSADVGILTWAQKMGIKWVDAANFRELLEGLVKKLGGKNL
;
_entity_poly.pdbx_strand_id   A,B
#
# COMPACT_ATOMS: atom_id res chain seq x y z
N MET A 6 29.73 3.73 11.03
CA MET A 6 28.77 2.63 10.91
C MET A 6 27.41 3.05 11.46
N ARG A 7 26.35 2.79 10.69
CA ARG A 7 25.02 3.28 10.99
C ARG A 7 24.03 2.14 10.93
N PHE A 8 23.11 2.09 11.89
CA PHE A 8 22.08 1.07 11.91
C PHE A 8 20.70 1.74 11.96
N VAL A 9 19.75 1.17 11.22
CA VAL A 9 18.36 1.61 11.27
C VAL A 9 17.57 0.49 11.93
N LEU A 10 16.92 0.81 13.05
CA LEU A 10 16.28 -0.20 13.88
C LEU A 10 14.78 -0.26 13.64
N ASP A 11 14.28 -1.46 13.36
CA ASP A 11 12.86 -1.79 13.41
C ASP A 11 12.44 -1.99 14.87
N THR A 12 11.14 -2.26 15.09
CA THR A 12 10.62 -2.49 16.45
C THR A 12 11.08 -3.83 17.04
N SER A 13 11.56 -4.75 16.20
CA SER A 13 11.83 -6.14 16.57
C SER A 13 12.55 -6.33 17.90
N ILE A 14 13.77 -5.79 18.03
CA ILE A 14 14.61 -6.09 19.20
C ILE A 14 14.06 -5.48 20.47
N PHE A 15 12.91 -4.81 20.39
CA PHE A 15 12.28 -4.20 21.57
C PHE A 15 10.91 -4.76 21.87
N VAL A 16 10.12 -5.06 20.84
CA VAL A 16 8.71 -5.35 21.01
C VAL A 16 8.34 -6.77 20.62
N ASN A 17 9.14 -7.45 19.79
CA ASN A 17 8.85 -8.82 19.41
C ASN A 17 9.35 -9.77 20.50
N PRO A 18 8.44 -10.42 21.23
CA PRO A 18 8.87 -11.25 22.37
C PRO A 18 9.91 -12.32 22.04
N GLU A 19 9.89 -12.86 20.83
CA GLU A 19 10.82 -13.91 20.45
C GLU A 19 12.19 -13.40 20.02
N VAL A 20 12.39 -12.09 19.87
CA VAL A 20 13.69 -11.53 19.55
C VAL A 20 14.17 -10.55 20.62
N ARG A 21 13.30 -9.74 21.16
CA ARG A 21 13.67 -8.82 22.20
C ARG A 21 14.16 -9.54 23.46
N ASP A 22 13.70 -10.76 23.65
CA ASP A 22 14.14 -11.57 24.79
C ASP A 22 15.65 -11.80 24.78
N ARG A 23 16.32 -11.61 23.64
CA ARG A 23 17.77 -11.69 23.67
C ARG A 23 18.37 -10.49 24.40
N PHE A 24 17.62 -9.41 24.52
CA PHE A 24 18.05 -8.21 25.20
C PHE A 24 17.48 -8.05 26.59
N GLY A 25 16.21 -8.42 26.80
CA GLY A 25 15.63 -8.31 28.13
C GLY A 25 14.29 -9.02 28.18
N ALA A 26 13.78 -9.18 29.40
CA ALA A 26 12.51 -9.86 29.65
C ALA A 26 11.29 -8.98 29.41
N SER A 27 11.49 -7.68 29.25
CA SER A 27 10.43 -6.74 28.91
C SER A 27 10.97 -5.75 27.89
N PRO A 28 10.08 -5.01 27.20
CA PRO A 28 10.56 -3.95 26.30
C PRO A 28 11.48 -2.95 26.98
N THR A 29 11.13 -2.52 28.19
CA THR A 29 11.97 -1.57 28.90
C THR A 29 13.36 -2.14 29.16
N GLU A 30 13.43 -3.35 29.72
CA GLU A 30 14.74 -3.97 29.93
C GLU A 30 15.47 -4.22 28.62
N ALA A 31 14.76 -4.66 27.58
CA ALA A 31 15.40 -4.83 26.27
C ALA A 31 16.02 -3.52 25.80
N MET A 32 15.26 -2.42 25.89
CA MET A 32 15.81 -1.13 25.52
C MET A 32 17.01 -0.75 26.39
N LYS A 33 16.93 -1.03 27.70
CA LYS A 33 18.04 -0.69 28.58
C LYS A 33 19.31 -1.43 28.17
N THR A 34 19.19 -2.72 27.90
CA THR A 34 20.34 -3.48 27.42
C THR A 34 20.87 -2.90 26.12
N PHE A 35 19.97 -2.60 25.17
CA PHE A 35 20.42 -2.03 23.91
C PHE A 35 21.17 -0.71 24.14
N LEU A 36 20.60 0.18 24.96
CA LEU A 36 21.22 1.47 25.19
C LEU A 36 22.59 1.35 25.85
N ASP A 37 22.78 0.35 26.73
CA ASP A 37 24.10 0.13 27.30
C ASP A 37 25.13 -0.13 26.20
N TYR A 38 24.77 -0.96 25.21
CA TYR A 38 25.67 -1.14 24.07
C TYR A 38 25.79 0.14 23.27
N ALA A 39 24.68 0.85 23.06
CA ALA A 39 24.73 2.07 22.27
C ALA A 39 25.57 3.14 22.94
N GLY A 40 25.48 3.23 24.27
CA GLY A 40 26.33 4.17 24.99
C GLY A 40 27.80 3.87 24.83
N ARG A 41 28.16 2.59 24.90
CA ARG A 41 29.55 2.20 24.78
C ARG A 41 30.09 2.39 23.37
N LEU A 42 29.22 2.57 22.39
CA LEU A 42 29.64 2.86 21.02
C LEU A 42 29.39 4.31 20.59
N PHE A 43 28.98 5.18 21.52
CA PHE A 43 28.67 6.57 21.18
C PHE A 43 29.84 7.27 20.47
N GLY A 44 29.55 7.96 19.36
CA GLY A 44 30.55 8.66 18.57
C GLY A 44 31.22 7.81 17.50
N ARG A 45 31.01 6.50 17.56
CA ARG A 45 31.58 5.58 16.59
C ARG A 45 30.49 4.92 15.75
N VAL A 46 29.40 4.51 16.40
CA VAL A 46 28.28 3.86 15.72
C VAL A 46 27.02 4.62 16.06
N GLU A 47 26.18 4.87 15.06
CA GLU A 47 24.94 5.61 15.21
C GLU A 47 23.74 4.70 14.97
N PHE A 48 22.69 4.91 15.76
CA PHE A 48 21.47 4.14 15.65
C PHE A 48 20.32 5.09 15.34
N TYR A 49 19.55 4.77 14.29
CA TYR A 49 18.47 5.61 13.79
C TYR A 49 17.15 4.86 13.82
N MET A 50 16.06 5.60 14.03
CA MET A 50 14.72 5.13 13.77
C MET A 50 13.93 6.26 13.13
N PRO A 51 13.06 5.95 12.17
CA PRO A 51 12.05 6.92 11.76
C PRO A 51 11.14 7.22 12.93
N PRO A 52 10.58 8.45 12.99
CA PRO A 52 9.80 8.84 14.18
C PRO A 52 8.61 7.94 14.46
N GLY A 53 7.92 7.47 13.43
CA GLY A 53 6.78 6.59 13.63
C GLY A 53 7.17 5.27 14.26
N ILE A 54 8.33 4.73 13.88
CA ILE A 54 8.82 3.51 14.53
C ILE A 54 9.11 3.78 16.01
N TYR A 55 9.80 4.89 16.32
CA TYR A 55 10.12 5.20 17.71
C TYR A 55 8.86 5.33 18.56
N ARG A 56 7.84 6.02 18.04
CA ARG A 56 6.58 6.16 18.78
C ARG A 56 5.94 4.80 19.06
N GLU A 57 6.11 3.84 18.16
CA GLU A 57 5.58 2.50 18.43
C GLU A 57 6.33 1.81 19.57
N VAL A 58 7.66 1.86 19.57
CA VAL A 58 8.38 1.15 20.63
C VAL A 58 8.14 1.81 21.98
N VAL A 59 8.04 3.14 22.04
CA VAL A 59 7.91 3.78 23.36
C VAL A 59 6.48 3.74 23.88
N HIS A 60 5.52 3.31 23.07
CA HIS A 60 4.25 2.87 23.61
C HIS A 60 4.41 1.72 24.61
N PHE A 61 5.41 0.86 24.40
CA PHE A 61 5.65 -0.26 25.28
C PHE A 61 6.76 -0.03 26.31
N VAL A 62 7.62 0.96 26.09
CA VAL A 62 8.83 1.14 26.91
C VAL A 62 8.65 2.37 27.79
N ASP A 63 9.17 2.28 29.02
CA ASP A 63 9.15 3.36 29.98
C ASP A 63 10.22 4.35 29.55
N GLU A 64 9.82 5.38 28.80
CA GLU A 64 10.75 6.37 28.31
C GLU A 64 11.39 7.15 29.45
N GLU A 65 10.59 7.56 30.44
CA GLU A 65 11.10 8.34 31.56
C GLU A 65 12.21 7.62 32.29
N GLU A 66 12.11 6.30 32.39
CA GLU A 66 13.12 5.59 33.18
C GLU A 66 14.41 5.40 32.41
N LEU A 67 14.45 5.76 31.13
CA LEU A 67 15.65 5.46 30.37
C LEU A 67 16.34 6.70 29.83
N LEU A 68 16.20 7.81 30.57
CA LEU A 68 17.00 9.00 30.28
C LEU A 68 18.39 8.89 30.91
N PRO A 69 19.39 9.51 30.30
CA PRO A 69 19.32 10.27 29.04
C PRO A 69 19.45 9.38 27.79
N GLY A 70 19.85 8.12 27.98
CA GLY A 70 20.27 7.30 26.85
C GLY A 70 19.24 7.21 25.75
N ILE A 71 17.97 7.00 26.11
CA ILE A 71 16.94 6.81 25.09
C ILE A 71 16.85 8.02 24.16
N GLU A 72 17.20 9.20 24.63
CA GLU A 72 17.18 10.34 23.73
C GLU A 72 18.50 10.57 23.01
N LEU A 73 19.63 10.27 23.66
CA LEU A 73 20.91 10.58 23.03
C LEU A 73 21.29 9.52 22.01
N TYR A 74 21.04 8.25 22.29
CA TYR A 74 21.66 7.17 21.54
C TYR A 74 20.80 6.67 20.38
N ILE A 75 19.53 7.06 20.32
CA ILE A 75 18.67 6.73 19.18
C ILE A 75 18.33 8.03 18.47
N ILE A 76 18.67 8.11 17.18
CA ILE A 76 18.42 9.29 16.39
C ILE A 76 17.07 9.13 15.69
N LYS A 77 16.14 10.04 15.99
CA LYS A 77 14.83 10.06 15.35
C LYS A 77 14.91 10.97 14.13
N LYS A 78 14.75 10.38 12.96
CA LYS A 78 14.98 11.09 11.71
C LYS A 78 14.06 10.55 10.63
N PRO A 79 13.11 11.34 10.13
CA PRO A 79 12.35 10.91 8.97
C PRO A 79 13.24 10.95 7.74
N PRO A 80 13.06 10.00 6.83
CA PRO A 80 13.83 10.05 5.59
C PRO A 80 13.46 11.29 4.80
N ASN A 81 14.41 11.76 3.98
CA ASN A 81 14.11 12.81 3.01
C ASN A 81 13.29 12.24 1.87
N VAL A 82 12.32 13.03 1.41
CA VAL A 82 11.42 12.64 0.32
C VAL A 82 11.52 13.59 -0.87
N HIS A 83 11.68 14.89 -0.63
CA HIS A 83 11.76 15.85 -1.72
C HIS A 83 12.96 15.56 -2.61
N ASP A 84 12.73 15.52 -3.93
CA ASP A 84 13.76 15.34 -4.95
C ASP A 84 14.47 13.99 -4.85
N ILE A 85 13.87 13.03 -4.13
CA ILE A 85 14.43 11.70 -3.97
C ILE A 85 13.76 10.76 -4.96
N ARG A 86 14.56 9.92 -5.62
CA ARG A 86 14.04 8.94 -6.57
C ARG A 86 14.28 7.54 -6.05
N ILE A 87 13.33 6.65 -6.31
CA ILE A 87 13.38 5.26 -5.86
C ILE A 87 12.98 4.37 -7.03
N PRO A 88 13.37 3.10 -7.00
CA PRO A 88 12.92 2.17 -8.05
C PRO A 88 11.41 2.03 -8.08
N ALA A 89 10.87 1.82 -9.28
CA ALA A 89 9.42 1.72 -9.40
C ALA A 89 8.87 0.51 -8.67
N PHE A 90 9.64 -0.59 -8.63
CA PHE A 90 9.15 -1.80 -7.99
C PHE A 90 8.91 -1.64 -6.50
N VAL A 91 9.41 -0.55 -5.89
CA VAL A 91 9.10 -0.26 -4.50
C VAL A 91 7.59 -0.18 -4.30
N VAL A 92 6.86 0.33 -5.29
CA VAL A 92 5.40 0.42 -5.15
C VAL A 92 4.81 -0.98 -5.00
N TYR A 93 5.32 -1.95 -5.78
CA TYR A 93 4.86 -3.32 -5.63
C TYR A 93 5.25 -3.89 -4.26
N GLU A 94 6.44 -3.55 -3.77
CA GLU A 94 6.83 -3.96 -2.43
C GLU A 94 5.83 -3.47 -1.39
N LEU A 95 5.45 -2.20 -1.48
CA LEU A 95 4.53 -1.64 -0.51
C LEU A 95 3.15 -2.31 -0.61
N ILE A 96 2.72 -2.62 -1.83
CA ILE A 96 1.41 -3.21 -2.04
C ILE A 96 1.35 -4.59 -1.38
N GLU A 97 2.37 -5.42 -1.64
CA GLU A 97 2.45 -6.73 -0.99
C GLU A 97 2.55 -6.61 0.51
N ASP A 98 3.29 -5.61 1.01
CA ASP A 98 3.35 -5.39 2.44
C ASP A 98 1.96 -5.11 3.02
N VAL A 99 1.22 -4.20 2.37
CA VAL A 99 -0.13 -3.89 2.84
C VAL A 99 -0.99 -5.15 2.84
N ARG A 100 -0.97 -5.91 1.74
CA ARG A 100 -1.79 -7.13 1.70
C ARG A 100 -1.33 -8.16 2.71
N ARG A 101 -0.03 -8.33 2.87
CA ARG A 101 0.50 -9.25 3.86
C ARG A 101 0.04 -8.87 5.27
N ARG A 102 0.22 -7.61 5.65
CA ARG A 102 -0.15 -7.18 7.00
C ARG A 102 -1.65 -7.23 7.23
N ILE A 103 -2.44 -6.81 6.24
CA ILE A 103 -3.88 -6.78 6.44
C ILE A 103 -4.45 -8.20 6.59
N ASP A 104 -4.01 -9.12 5.74
CA ASP A 104 -4.49 -10.50 5.83
C ASP A 104 -4.24 -11.08 7.21
N LYS A 105 -3.05 -10.86 7.77
CA LYS A 105 -2.77 -11.34 9.12
C LYS A 105 -3.65 -10.63 10.14
N GLY A 106 -3.84 -9.32 9.98
CA GLY A 106 -4.71 -8.60 10.90
C GLY A 106 -6.12 -9.15 10.95
N LEU A 107 -6.64 -9.54 9.79
CA LEU A 107 -8.00 -10.09 9.73
C LEU A 107 -8.09 -11.41 10.49
N ARG A 108 -7.05 -12.24 10.40
CA ARG A 108 -7.06 -13.48 11.18
C ARG A 108 -7.07 -13.15 12.67
N VAL A 109 -6.18 -12.25 13.07
CA VAL A 109 -6.08 -11.83 14.47
C VAL A 109 -7.41 -11.25 14.94
N ALA A 110 -8.01 -10.37 14.13
CA ALA A 110 -9.29 -9.79 14.51
C ALA A 110 -10.37 -10.86 14.64
N GLU A 111 -10.38 -11.85 13.73
CA GLU A 111 -11.34 -12.95 13.81
C GLU A 111 -11.10 -13.80 15.05
N LYS A 112 -9.86 -14.25 15.26
CA LYS A 112 -9.58 -15.04 16.46
C LYS A 112 -9.95 -14.28 17.73
N ALA A 113 -9.78 -12.95 17.73
CA ALA A 113 -10.14 -12.18 18.93
C ALA A 113 -11.65 -12.18 19.17
N VAL A 114 -12.46 -12.03 18.12
CA VAL A 114 -13.91 -12.18 18.28
C VAL A 114 -14.29 -13.59 18.70
N ARG A 115 -13.62 -14.61 18.19
CA ARG A 115 -14.10 -15.92 18.56
C ARG A 115 -13.76 -16.31 19.99
N GLU A 116 -12.88 -15.58 20.67
CA GLU A 116 -12.69 -15.84 22.10
C GLU A 116 -13.61 -15.03 23.01
N SER A 117 -14.06 -13.85 22.59
CA SER A 117 -14.90 -13.03 23.47
C SER A 117 -16.39 -13.36 23.37
N VAL A 118 -16.88 -13.75 22.20
CA VAL A 118 -18.32 -13.89 21.96
C VAL A 118 -18.82 -15.24 22.43
N VAL A 119 -20.09 -15.26 22.84
CA VAL A 119 -20.78 -16.47 23.25
C VAL A 119 -21.99 -16.63 22.32
N GLU A 120 -22.48 -17.87 22.19
CA GLU A 120 -23.55 -18.13 21.24
C GLU A 120 -24.83 -17.34 21.53
N THR A 121 -25.00 -16.86 22.77
CA THR A 121 -26.23 -16.14 23.09
C THR A 121 -26.20 -14.67 22.67
N ASP A 122 -25.06 -14.14 22.22
CA ASP A 122 -25.00 -12.71 21.91
C ASP A 122 -25.84 -12.39 20.67
N ASN A 123 -26.44 -11.20 20.68
CA ASN A 123 -27.24 -10.72 19.57
C ASN A 123 -26.38 -10.42 18.33
N VAL A 124 -27.06 -10.20 17.20
CA VAL A 124 -26.36 -10.01 15.92
C VAL A 124 -25.57 -8.70 15.93
N ASP A 125 -26.18 -7.61 16.38
CA ASP A 125 -25.51 -6.30 16.39
C ASP A 125 -24.24 -6.31 17.23
N LYS A 126 -24.25 -7.03 18.36
CA LYS A 126 -23.05 -7.08 19.21
C LYS A 126 -21.90 -7.77 18.51
N ILE A 127 -22.20 -8.89 17.84
CA ILE A 127 -21.18 -9.62 17.10
C ILE A 127 -20.60 -8.76 15.99
N ILE A 128 -21.48 -8.07 15.23
CA ILE A 128 -21.02 -7.26 14.11
C ILE A 128 -20.15 -6.11 14.59
N GLN A 129 -20.52 -5.46 15.71
CA GLN A 129 -19.71 -4.32 16.15
C GLN A 129 -18.34 -4.78 16.62
N LYS A 130 -18.24 -5.97 17.23
CA LYS A 130 -16.94 -6.50 17.61
C LYS A 130 -16.07 -6.79 16.40
N LEU A 131 -16.62 -7.45 15.38
CA LEU A 131 -15.82 -7.72 14.19
C LEU A 131 -15.47 -6.44 13.43
N ARG A 132 -16.43 -5.54 13.27
CA ARG A 132 -16.15 -4.29 12.57
C ARG A 132 -15.05 -3.51 13.27
N ARG A 133 -15.10 -3.45 14.62
CA ARG A 133 -14.07 -2.75 15.37
C ARG A 133 -12.70 -3.35 15.14
N ASN A 134 -12.61 -4.67 15.21
CA ASN A 134 -11.31 -5.31 15.10
C ASN A 134 -10.81 -5.32 13.66
N TYR A 135 -11.72 -5.45 12.70
CA TYR A 135 -11.34 -5.36 11.30
C TYR A 135 -10.81 -3.96 10.97
N ARG A 136 -11.48 -2.93 11.48
CA ARG A 136 -11.03 -1.56 11.22
C ARG A 136 -9.64 -1.33 11.79
N ARG A 137 -9.36 -1.90 12.96
CA ARG A 137 -8.03 -1.77 13.55
C ARG A 137 -6.99 -2.53 12.74
N ALA A 138 -7.34 -3.71 12.22
CA ALA A 138 -6.41 -4.45 11.38
C ALA A 138 -6.06 -3.67 10.11
N LEU A 139 -7.06 -3.03 9.49
CA LEU A 139 -6.80 -2.24 8.30
C LEU A 139 -5.90 -1.05 8.60
N ARG A 140 -6.26 -0.27 9.63
CA ARG A 140 -5.51 0.95 9.90
C ARG A 140 -4.08 0.65 10.32
N GLU A 141 -3.88 -0.40 11.12
CA GLU A 141 -2.53 -0.77 11.51
C GLU A 141 -1.75 -1.37 10.35
N GLY A 142 -2.41 -2.14 9.49
CA GLY A 142 -1.73 -2.65 8.30
C GLY A 142 -1.21 -1.54 7.41
N ILE A 143 -1.96 -0.44 7.32
CA ILE A 143 -1.57 0.66 6.44
C ILE A 143 -0.42 1.46 7.06
N VAL A 144 -0.55 1.85 8.33
CA VAL A 144 0.50 2.63 8.97
C VAL A 144 1.80 1.85 9.02
N ASP A 145 1.74 0.55 9.37
CA ASP A 145 2.96 -0.24 9.49
C ASP A 145 3.65 -0.42 8.15
N SER A 146 2.88 -0.52 7.06
CA SER A 146 3.49 -0.63 5.74
C SER A 146 4.18 0.67 5.37
N LYS A 147 3.54 1.79 5.71
CA LYS A 147 4.21 3.07 5.51
C LYS A 147 5.45 3.16 6.37
N GLU A 148 5.38 2.71 7.63
CA GLU A 148 6.56 2.70 8.48
C GLU A 148 7.64 1.80 7.90
N ASP A 149 7.27 0.66 7.31
CA ASP A 149 8.26 -0.18 6.64
C ASP A 149 8.96 0.59 5.52
N PHE A 150 8.20 1.37 4.74
CA PHE A 150 8.80 2.18 3.70
C PHE A 150 9.78 3.20 4.26
N GLU A 151 9.43 3.84 5.37
CA GLU A 151 10.29 4.81 6.03
C GLU A 151 11.61 4.18 6.44
N LEU A 152 11.55 3.02 7.10
CA LEU A 152 12.76 2.27 7.48
C LEU A 152 13.65 2.03 6.27
N ILE A 153 13.06 1.47 5.21
CA ILE A 153 13.80 1.14 4.00
C ILE A 153 14.45 2.38 3.41
N LEU A 154 13.64 3.43 3.24
CA LEU A 154 14.16 4.62 2.58
C LEU A 154 15.20 5.30 3.45
N LEU A 155 14.99 5.32 4.78
CA LEU A 155 15.98 5.90 5.68
C LEU A 155 17.31 5.16 5.57
N ALA A 156 17.28 3.83 5.68
CA ALA A 156 18.51 3.04 5.59
C ALA A 156 19.18 3.19 4.23
N LYS A 157 18.39 3.28 3.16
CA LYS A 157 18.97 3.53 1.84
C LYS A 157 19.75 4.83 1.82
N GLU A 158 19.12 5.92 2.29
CA GLU A 158 19.75 7.24 2.23
C GLU A 158 20.95 7.33 3.16
N LEU A 159 20.90 6.67 4.31
CA LEU A 159 22.01 6.71 5.25
C LEU A 159 23.10 5.70 4.89
N ASP A 160 22.87 4.82 3.92
CA ASP A 160 23.70 3.65 3.70
C ASP A 160 23.94 2.90 5.00
N ALA A 161 22.86 2.65 5.73
CA ALA A 161 22.90 1.99 7.01
C ALA A 161 22.44 0.54 6.90
N THR A 162 22.67 -0.21 7.97
CA THR A 162 22.25 -1.60 8.06
C THR A 162 20.89 -1.64 8.76
N ILE A 163 19.90 -2.24 8.10
CA ILE A 163 18.58 -2.44 8.70
C ILE A 163 18.63 -3.60 9.68
N VAL A 164 17.99 -3.41 10.83
CA VAL A 164 17.93 -4.42 11.88
C VAL A 164 16.47 -4.78 12.09
N SER A 165 16.09 -5.97 11.64
CA SER A 165 14.70 -6.38 11.69
C SER A 165 14.63 -7.89 11.74
N ALA A 166 13.53 -8.38 12.32
CA ALA A 166 13.18 -9.79 12.28
C ALA A 166 12.09 -10.07 11.25
N ASP A 167 11.62 -9.04 10.55
CA ASP A 167 10.55 -9.17 9.58
C ASP A 167 11.13 -9.63 8.25
N VAL A 168 10.77 -10.85 7.83
CA VAL A 168 11.31 -11.41 6.60
C VAL A 168 10.98 -10.53 5.41
N GLY A 169 9.75 -10.01 5.35
CA GLY A 169 9.39 -9.13 4.24
C GLY A 169 10.32 -7.93 4.12
N ILE A 170 10.68 -7.34 5.26
CA ILE A 170 11.58 -6.18 5.25
C ILE A 170 12.96 -6.58 4.77
N LEU A 171 13.46 -7.71 5.26
CA LEU A 171 14.82 -8.13 4.91
C LEU A 171 14.92 -8.46 3.43
N THR A 172 13.90 -9.13 2.87
CA THR A 172 13.87 -9.39 1.44
C THR A 172 13.78 -8.10 0.64
N TRP A 173 12.97 -7.16 1.12
CA TRP A 173 12.85 -5.86 0.47
C TRP A 173 14.18 -5.11 0.53
N ALA A 174 14.86 -5.14 1.68
CA ALA A 174 16.18 -4.53 1.78
C ALA A 174 17.17 -5.19 0.82
N GLN A 175 17.23 -6.53 0.85
CA GLN A 175 18.09 -7.28 -0.06
C GLN A 175 17.91 -6.82 -1.50
N LYS A 176 16.66 -6.80 -1.98
CA LYS A 176 16.36 -6.43 -3.37
C LYS A 176 16.87 -5.02 -3.69
N MET A 177 16.79 -4.09 -2.75
CA MET A 177 17.20 -2.72 -2.99
C MET A 177 18.69 -2.50 -2.75
N GLY A 178 19.46 -3.57 -2.49
CA GLY A 178 20.87 -3.40 -2.20
C GLY A 178 21.12 -2.65 -0.90
N ILE A 179 20.29 -2.88 0.11
CA ILE A 179 20.47 -2.29 1.42
C ILE A 179 21.03 -3.33 2.36
N LYS A 180 22.04 -2.94 3.12
CA LYS A 180 22.60 -3.81 4.12
C LYS A 180 21.56 -4.13 5.19
N TRP A 181 21.56 -5.38 5.68
CA TRP A 181 20.62 -5.76 6.73
C TRP A 181 21.26 -6.82 7.61
N VAL A 182 20.69 -6.99 8.80
CA VAL A 182 21.07 -8.07 9.71
C VAL A 182 19.82 -8.58 10.40
N ASP A 183 19.77 -9.89 10.63
CA ASP A 183 18.65 -10.50 11.35
C ASP A 183 18.67 -10.04 12.81
N ALA A 184 17.55 -9.50 13.27
CA ALA A 184 17.51 -8.89 14.60
C ALA A 184 17.79 -9.92 15.70
N ALA A 185 17.52 -11.19 15.44
CA ALA A 185 17.82 -12.24 16.40
C ALA A 185 19.31 -12.37 16.69
N ASN A 186 20.17 -11.91 15.78
CA ASN A 186 21.62 -11.96 15.93
C ASN A 186 22.22 -10.58 16.23
N PHE A 187 21.40 -9.60 16.61
CA PHE A 187 21.91 -8.23 16.73
C PHE A 187 22.81 -8.09 17.95
N ARG A 188 22.39 -8.62 19.11
CA ARG A 188 23.23 -8.57 20.30
C ARG A 188 24.62 -9.16 20.04
N GLU A 189 24.70 -10.25 19.32
CA GLU A 189 25.97 -10.83 18.94
C GLU A 189 26.78 -9.84 18.13
N LEU A 190 26.15 -9.15 17.19
CA LEU A 190 26.88 -8.16 16.41
C LEU A 190 27.31 -6.99 17.28
N LEU A 191 26.44 -6.57 18.21
CA LEU A 191 26.81 -5.45 19.07
C LEU A 191 27.96 -5.84 19.98
N GLU A 192 27.93 -7.05 20.56
CA GLU A 192 29.05 -7.53 21.38
C GLU A 192 30.35 -7.55 20.59
N GLY A 193 30.30 -7.98 19.34
CA GLY A 193 31.49 -7.97 18.50
C GLY A 193 31.95 -6.59 18.10
N LEU A 194 31.01 -5.63 18.03
CA LEU A 194 31.40 -4.25 17.72
C LEU A 194 32.13 -3.62 18.91
N VAL A 195 31.66 -3.88 20.13
CA VAL A 195 32.34 -3.35 21.32
C VAL A 195 33.74 -3.94 21.42
N LYS A 196 33.85 -5.26 21.23
CA LYS A 196 35.16 -5.90 21.31
C LYS A 196 36.10 -5.39 20.22
N LYS A 197 35.59 -5.11 19.02
CA LYS A 197 36.44 -4.57 17.96
C LYS A 197 36.88 -3.13 18.24
N LEU A 198 36.11 -2.38 19.01
CA LEU A 198 36.37 -0.95 19.16
C LEU A 198 36.95 -0.56 20.51
N GLY A 199 36.89 -1.42 21.51
CA GLY A 199 37.54 -1.18 22.78
C GLY A 199 36.56 -0.88 23.90
N GLY A 200 37.13 -0.79 25.11
CA GLY A 200 36.37 -0.52 26.31
C GLY A 200 35.76 -1.79 26.90
N LYS A 201 35.24 -1.61 28.10
CA LYS A 201 34.57 -2.69 28.83
C LYS A 201 33.32 -3.16 28.02
N ASN A 202 33.15 -4.48 27.86
CA ASN A 202 32.08 -5.04 27.04
C ASN A 202 30.80 -5.29 27.84
N MET B 6 -0.97 12.77 -30.18
CA MET B 6 -1.75 12.77 -28.94
C MET B 6 -2.04 11.37 -28.42
N ARG B 7 -1.82 11.16 -27.14
CA ARG B 7 -1.96 9.85 -26.52
C ARG B 7 -2.87 9.94 -25.30
N PHE B 8 -3.78 8.98 -25.16
CA PHE B 8 -4.69 8.89 -24.03
C PHE B 8 -4.53 7.55 -23.32
N VAL B 9 -4.55 7.60 -21.99
CA VAL B 9 -4.56 6.42 -21.14
C VAL B 9 -5.93 6.34 -20.50
N LEU B 10 -6.66 5.25 -20.79
CA LEU B 10 -8.06 5.13 -20.42
C LEU B 10 -8.21 4.31 -19.15
N ASP B 11 -8.93 4.88 -18.19
CA ASP B 11 -9.49 4.17 -17.06
C ASP B 11 -10.73 3.40 -17.51
N THR B 12 -11.33 2.65 -16.58
CA THR B 12 -12.57 1.93 -16.86
C THR B 12 -13.79 2.83 -17.00
N SER B 13 -13.69 4.09 -16.56
CA SER B 13 -14.83 5.01 -16.42
C SER B 13 -15.81 5.02 -17.58
N ILE B 14 -15.35 5.38 -18.78
CA ILE B 14 -16.25 5.61 -19.91
C ILE B 14 -16.87 4.31 -20.40
N PHE B 15 -16.56 3.18 -19.75
CA PHE B 15 -17.12 1.89 -20.13
C PHE B 15 -17.94 1.23 -19.04
N VAL B 16 -17.52 1.34 -17.79
CA VAL B 16 -18.11 0.55 -16.72
C VAL B 16 -18.83 1.38 -15.68
N ASN B 17 -18.55 2.69 -15.57
CA ASN B 17 -19.23 3.54 -14.60
C ASN B 17 -20.56 3.99 -15.20
N PRO B 18 -21.68 3.51 -14.66
CA PRO B 18 -22.99 3.84 -15.28
C PRO B 18 -23.22 5.33 -15.41
N GLU B 19 -22.69 6.15 -14.50
CA GLU B 19 -22.94 7.56 -14.57
C GLU B 19 -22.03 8.29 -15.56
N VAL B 20 -21.04 7.59 -16.15
CA VAL B 20 -20.14 8.19 -17.11
C VAL B 20 -20.23 7.50 -18.47
N ARG B 21 -20.26 6.17 -18.50
CA ARG B 21 -20.36 5.46 -19.77
C ARG B 21 -21.68 5.70 -20.49
N ASP B 22 -22.74 6.05 -19.76
CA ASP B 22 -24.05 6.30 -20.37
C ASP B 22 -23.99 7.39 -21.40
N ARG B 23 -22.96 8.21 -21.31
CA ARG B 23 -22.71 9.24 -22.27
C ARG B 23 -22.26 8.66 -23.62
N PHE B 24 -21.72 7.45 -23.61
CA PHE B 24 -21.30 6.69 -24.79
C PHE B 24 -22.29 5.61 -25.21
N GLY B 25 -22.92 4.92 -24.25
CA GLY B 25 -23.90 3.90 -24.57
C GLY B 25 -24.66 3.47 -23.34
N ALA B 26 -25.74 2.72 -23.57
CA ALA B 26 -26.60 2.27 -22.49
C ALA B 26 -26.05 1.05 -21.76
N SER B 27 -25.04 0.41 -22.31
CA SER B 27 -24.38 -0.70 -21.64
C SER B 27 -22.87 -0.57 -21.87
N PRO B 28 -22.04 -1.29 -21.11
CA PRO B 28 -20.60 -1.26 -21.40
C PRO B 28 -20.25 -1.61 -22.83
N THR B 29 -20.89 -2.65 -23.39
CA THR B 29 -20.63 -3.03 -24.78
C THR B 29 -20.99 -1.90 -25.73
N GLU B 30 -22.18 -1.32 -25.54
CA GLU B 30 -22.59 -0.19 -26.37
C GLU B 30 -21.63 0.98 -26.23
N ALA B 31 -21.21 1.27 -24.99
CA ALA B 31 -20.25 2.35 -24.75
C ALA B 31 -18.95 2.09 -25.50
N MET B 32 -18.43 0.86 -25.39
CA MET B 32 -17.21 0.51 -26.10
C MET B 32 -17.38 0.66 -27.60
N LYS B 33 -18.54 0.22 -28.13
CA LYS B 33 -18.80 0.35 -29.55
C LYS B 33 -18.75 1.81 -29.98
N THR B 34 -19.45 2.68 -29.25
CA THR B 34 -19.42 4.12 -29.54
C THR B 34 -18.00 4.66 -29.47
N PHE B 35 -17.26 4.30 -28.41
CA PHE B 35 -15.88 4.75 -28.29
C PHE B 35 -15.04 4.29 -29.47
N LEU B 36 -15.15 3.00 -29.83
CA LEU B 36 -14.35 2.48 -30.93
C LEU B 36 -14.68 3.19 -32.23
N ASP B 37 -15.93 3.65 -32.38
CA ASP B 37 -16.29 4.47 -33.51
C ASP B 37 -15.40 5.70 -33.60
N TYR B 38 -15.24 6.42 -32.48
CA TYR B 38 -14.34 7.57 -32.48
C TYR B 38 -12.89 7.15 -32.64
N ALA B 39 -12.48 6.08 -31.94
CA ALA B 39 -11.09 5.66 -31.97
C ALA B 39 -10.67 5.21 -33.35
N GLY B 40 -11.56 4.51 -34.06
CA GLY B 40 -11.25 4.13 -35.43
C GLY B 40 -11.06 5.31 -36.34
N ARG B 41 -11.91 6.32 -36.23
CA ARG B 41 -11.81 7.48 -37.11
C ARG B 41 -10.60 8.35 -36.79
N LEU B 42 -9.98 8.18 -35.62
CA LEU B 42 -8.78 8.92 -35.26
C LEU B 42 -7.53 8.06 -35.36
N PHE B 43 -7.67 6.83 -35.86
CA PHE B 43 -6.53 5.94 -36.02
C PHE B 43 -5.45 6.61 -36.86
N GLY B 44 -4.20 6.53 -36.38
CA GLY B 44 -3.12 7.20 -37.04
C GLY B 44 -2.91 8.62 -36.56
N ARG B 45 -3.91 9.22 -35.93
CA ARG B 45 -3.81 10.55 -35.34
C ARG B 45 -3.81 10.55 -33.83
N VAL B 46 -4.62 9.71 -33.19
CA VAL B 46 -4.71 9.66 -31.74
C VAL B 46 -4.58 8.21 -31.30
N GLU B 47 -3.79 7.95 -30.27
CA GLU B 47 -3.57 6.60 -29.76
C GLU B 47 -4.21 6.44 -28.39
N PHE B 48 -4.82 5.29 -28.15
CA PHE B 48 -5.51 5.00 -26.90
C PHE B 48 -4.90 3.77 -26.26
N TYR B 49 -4.52 3.91 -24.99
CA TYR B 49 -3.83 2.87 -24.23
C TYR B 49 -4.63 2.48 -22.99
N MET B 50 -4.51 1.21 -22.61
CA MET B 50 -4.91 0.74 -21.28
C MET B 50 -3.85 -0.21 -20.75
N PRO B 51 -3.54 -0.13 -19.46
CA PRO B 51 -2.77 -1.20 -18.83
C PRO B 51 -3.54 -2.48 -18.91
N PRO B 52 -2.86 -3.63 -19.02
CA PRO B 52 -3.58 -4.89 -19.23
C PRO B 52 -4.61 -5.19 -18.17
N GLY B 53 -4.30 -4.91 -16.90
CA GLY B 53 -5.27 -5.17 -15.84
C GLY B 53 -6.53 -4.35 -16.00
N ILE B 54 -6.40 -3.10 -16.44
CA ILE B 54 -7.57 -2.27 -16.72
C ILE B 54 -8.37 -2.89 -17.86
N TYR B 55 -7.68 -3.30 -18.92
CA TYR B 55 -8.37 -3.88 -20.07
C TYR B 55 -9.15 -5.12 -19.67
N ARG B 56 -8.53 -6.02 -18.88
CA ARG B 56 -9.24 -7.22 -18.47
C ARG B 56 -10.48 -6.88 -17.66
N GLU B 57 -10.41 -5.80 -16.88
CA GLU B 57 -11.58 -5.36 -16.11
C GLU B 57 -12.68 -4.88 -17.04
N VAL B 58 -12.34 -4.11 -18.07
CA VAL B 58 -13.36 -3.57 -18.95
C VAL B 58 -14.06 -4.67 -19.72
N VAL B 59 -13.29 -5.67 -20.18
CA VAL B 59 -13.87 -6.72 -21.02
C VAL B 59 -14.54 -7.83 -20.23
N HIS B 60 -14.42 -7.83 -18.89
CA HIS B 60 -15.29 -8.67 -18.09
C HIS B 60 -16.75 -8.24 -18.23
N PHE B 61 -16.99 -6.95 -18.47
CA PHE B 61 -18.32 -6.41 -18.70
C PHE B 61 -18.65 -6.25 -20.17
N VAL B 62 -17.65 -6.23 -21.04
CA VAL B 62 -17.84 -5.97 -22.45
C VAL B 62 -17.67 -7.28 -23.21
N ASP B 63 -18.56 -7.53 -24.17
CA ASP B 63 -18.44 -8.71 -25.01
C ASP B 63 -17.38 -8.42 -26.06
N GLU B 64 -16.16 -8.92 -25.80
CA GLU B 64 -15.04 -8.67 -26.68
C GLU B 64 -15.31 -9.23 -28.08
N GLU B 65 -15.91 -10.43 -28.15
CA GLU B 65 -16.24 -11.04 -29.43
C GLU B 65 -17.13 -10.14 -30.29
N GLU B 66 -18.07 -9.44 -29.69
CA GLU B 66 -19.00 -8.69 -30.53
C GLU B 66 -18.42 -7.40 -31.06
N LEU B 67 -17.14 -7.10 -30.78
CA LEU B 67 -16.59 -5.83 -31.17
C LEU B 67 -15.27 -5.97 -31.93
N LEU B 68 -15.07 -7.09 -32.64
CA LEU B 68 -13.92 -7.20 -33.53
C LEU B 68 -14.23 -6.49 -34.85
N PRO B 69 -13.21 -5.97 -35.54
CA PRO B 69 -11.79 -5.96 -35.18
C PRO B 69 -11.39 -4.77 -34.29
N GLY B 70 -12.29 -3.80 -34.15
CA GLY B 70 -11.90 -2.52 -33.57
C GLY B 70 -11.29 -2.63 -32.18
N ILE B 71 -11.90 -3.43 -31.30
CA ILE B 71 -11.45 -3.48 -29.92
C ILE B 71 -9.99 -3.92 -29.83
N GLU B 72 -9.51 -4.67 -30.82
CA GLU B 72 -8.11 -5.10 -30.79
C GLU B 72 -7.19 -4.11 -31.49
N LEU B 73 -7.68 -3.40 -32.52
CA LEU B 73 -6.79 -2.48 -33.23
C LEU B 73 -6.65 -1.15 -32.52
N TYR B 74 -7.74 -0.64 -31.95
CA TYR B 74 -7.80 0.76 -31.57
C TYR B 74 -7.46 1.01 -30.11
N ILE B 75 -7.39 -0.02 -29.27
CA ILE B 75 -6.93 0.09 -27.90
C ILE B 75 -5.62 -0.66 -27.77
N ILE B 76 -4.59 0.03 -27.29
CA ILE B 76 -3.27 -0.57 -27.10
C ILE B 76 -3.16 -1.03 -25.67
N LYS B 77 -2.99 -2.34 -25.49
CA LYS B 77 -2.79 -2.93 -24.18
C LYS B 77 -1.29 -2.83 -23.97
N LYS B 78 -0.87 -2.14 -22.92
CA LYS B 78 0.55 -1.93 -22.69
C LYS B 78 0.74 -1.74 -21.20
N PRO B 79 1.46 -2.64 -20.54
CA PRO B 79 1.85 -2.39 -19.16
C PRO B 79 2.96 -1.35 -19.13
N PRO B 80 3.02 -0.50 -18.12
CA PRO B 80 4.15 0.41 -18.00
C PRO B 80 5.44 -0.39 -17.78
N ASN B 81 6.56 0.18 -18.20
CA ASN B 81 7.86 -0.38 -17.84
C ASN B 81 8.17 -0.11 -16.38
N VAL B 82 8.72 -1.12 -15.70
CA VAL B 82 9.07 -1.03 -14.28
C VAL B 82 10.56 -1.25 -14.10
N HIS B 83 11.14 -2.14 -14.90
CA HIS B 83 12.56 -2.42 -14.82
C HIS B 83 13.38 -1.18 -15.09
N ASP B 84 14.33 -0.89 -14.20
CA ASP B 84 15.26 0.22 -14.34
C ASP B 84 14.56 1.58 -14.39
N ILE B 85 13.30 1.64 -13.94
CA ILE B 85 12.52 2.87 -13.92
C ILE B 85 12.58 3.44 -12.51
N ARG B 86 12.79 4.76 -12.40
CA ARG B 86 12.81 5.45 -11.11
C ARG B 86 11.64 6.42 -11.02
N ILE B 87 11.10 6.55 -9.82
CA ILE B 87 9.94 7.40 -9.59
C ILE B 87 10.23 8.25 -8.35
N PRO B 88 9.53 9.38 -8.21
CA PRO B 88 9.68 10.18 -6.98
C PRO B 88 9.19 9.40 -5.76
N ALA B 89 9.85 9.64 -4.64
CA ALA B 89 9.51 8.90 -3.43
C ALA B 89 8.10 9.24 -2.95
N PHE B 90 7.66 10.48 -3.15
CA PHE B 90 6.33 10.84 -2.68
C PHE B 90 5.23 10.09 -3.41
N VAL B 91 5.53 9.45 -4.53
CA VAL B 91 4.56 8.58 -5.18
C VAL B 91 4.08 7.50 -4.22
N VAL B 92 4.98 6.99 -3.37
CA VAL B 92 4.60 5.96 -2.40
C VAL B 92 3.58 6.52 -1.41
N TYR B 93 3.75 7.77 -0.99
CA TYR B 93 2.74 8.38 -0.13
C TYR B 93 1.43 8.57 -0.87
N GLU B 94 1.50 8.99 -2.14
CA GLU B 94 0.27 9.07 -2.94
C GLU B 94 -0.39 7.71 -3.02
N LEU B 95 0.40 6.65 -3.22
CA LEU B 95 -0.19 5.33 -3.27
C LEU B 95 -0.82 4.95 -1.94
N ILE B 96 -0.21 5.34 -0.82
CA ILE B 96 -0.76 4.99 0.48
C ILE B 96 -2.12 5.65 0.66
N GLU B 97 -2.21 6.96 0.36
CA GLU B 97 -3.50 7.64 0.42
C GLU B 97 -4.51 6.96 -0.50
N ASP B 98 -4.06 6.54 -1.70
CA ASP B 98 -4.96 5.87 -2.65
C ASP B 98 -5.50 4.57 -2.07
N VAL B 99 -4.61 3.77 -1.47
CA VAL B 99 -5.05 2.51 -0.85
C VAL B 99 -6.12 2.78 0.20
N ARG B 100 -5.90 3.78 1.04
CA ARG B 100 -6.85 4.08 2.10
C ARG B 100 -8.18 4.56 1.52
N ARG B 101 -8.13 5.36 0.48
CA ARG B 101 -9.27 5.85 -0.19
C ARG B 101 -10.05 4.67 -0.77
N ARG B 102 -9.38 3.79 -1.49
CA ARG B 102 -10.00 2.62 -2.11
C ARG B 102 -10.52 1.64 -1.06
N ILE B 103 -9.77 1.44 0.02
CA ILE B 103 -10.26 0.52 1.05
C ILE B 103 -11.49 1.12 1.73
N ASP B 104 -11.46 2.41 2.02
CA ASP B 104 -12.60 3.08 2.66
C ASP B 104 -13.88 2.92 1.83
N LYS B 105 -13.76 3.06 0.51
CA LYS B 105 -14.90 2.89 -0.37
C LYS B 105 -15.42 1.47 -0.23
N GLY B 106 -14.50 0.51 -0.23
CA GLY B 106 -14.85 -0.90 -0.08
C GLY B 106 -15.59 -1.19 1.22
N LEU B 107 -15.19 -0.51 2.31
CA LEU B 107 -15.83 -0.74 3.60
C LEU B 107 -17.29 -0.33 3.56
N ARG B 108 -17.59 0.77 2.87
CA ARG B 108 -18.97 1.18 2.65
C ARG B 108 -19.72 0.14 1.83
N VAL B 109 -19.11 -0.36 0.76
CA VAL B 109 -19.72 -1.44 -0.02
C VAL B 109 -19.91 -2.68 0.84
N ALA B 110 -18.86 -3.08 1.57
CA ALA B 110 -18.96 -4.24 2.45
C ALA B 110 -19.99 -4.00 3.54
N GLU B 111 -20.07 -2.76 4.01
CA GLU B 111 -21.01 -2.41 5.07
C GLU B 111 -22.44 -2.69 4.64
N LYS B 112 -22.86 -2.08 3.52
CA LYS B 112 -24.22 -2.27 3.00
C LYS B 112 -24.49 -3.73 2.62
N ALA B 113 -23.47 -4.43 2.09
CA ALA B 113 -23.66 -5.82 1.70
C ALA B 113 -23.89 -6.72 2.90
N VAL B 114 -23.10 -6.54 3.96
CA VAL B 114 -23.32 -7.31 5.17
C VAL B 114 -24.67 -6.96 5.77
N ARG B 115 -25.01 -5.71 5.84
CA ARG B 115 -26.23 -5.22 6.48
C ARG B 115 -27.51 -5.83 5.89
N GLU B 116 -27.45 -6.13 4.65
CA GLU B 116 -28.55 -6.77 3.95
C GLU B 116 -28.47 -8.27 4.00
N SER B 117 -27.26 -8.84 4.10
CA SER B 117 -27.12 -10.28 4.02
C SER B 117 -27.34 -10.97 5.38
N VAL B 118 -26.96 -10.33 6.48
CA VAL B 118 -27.03 -11.00 7.77
C VAL B 118 -28.45 -10.89 8.29
N VAL B 119 -28.96 -11.98 8.89
CA VAL B 119 -30.29 -12.04 9.46
C VAL B 119 -30.22 -12.49 10.91
N GLU B 120 -31.31 -12.19 11.64
CA GLU B 120 -31.38 -12.49 13.08
C GLU B 120 -31.14 -13.95 13.40
N THR B 121 -31.44 -14.85 12.46
CA THR B 121 -31.33 -16.27 12.76
C THR B 121 -29.92 -16.84 12.60
N ASP B 122 -28.97 -16.09 12.06
CA ASP B 122 -27.67 -16.68 11.76
C ASP B 122 -26.90 -16.98 13.05
N ASN B 123 -26.28 -18.16 13.09
CA ASN B 123 -25.42 -18.50 14.20
C ASN B 123 -24.12 -17.69 14.09
N VAL B 124 -23.26 -17.80 15.10
CA VAL B 124 -22.04 -16.98 15.16
C VAL B 124 -21.14 -17.26 13.97
N ASP B 125 -20.98 -18.53 13.60
CA ASP B 125 -20.12 -18.85 12.45
C ASP B 125 -20.64 -18.19 11.18
N LYS B 126 -21.96 -18.16 11.00
CA LYS B 126 -22.53 -17.61 9.77
C LYS B 126 -22.33 -16.09 9.70
N ILE B 127 -22.53 -15.39 10.83
CA ILE B 127 -22.29 -13.94 10.84
C ILE B 127 -20.82 -13.65 10.54
N ILE B 128 -19.90 -14.41 11.14
CA ILE B 128 -18.48 -14.15 10.90
C ILE B 128 -18.15 -14.40 9.44
N GLN B 129 -18.69 -15.48 8.87
CA GLN B 129 -18.34 -15.82 7.50
C GLN B 129 -18.89 -14.80 6.51
N LYS B 130 -20.08 -14.28 6.77
CA LYS B 130 -20.63 -13.22 5.92
C LYS B 130 -19.78 -11.96 6.02
N LEU B 131 -19.38 -11.60 7.23
CA LEU B 131 -18.57 -10.41 7.44
C LEU B 131 -17.18 -10.59 6.86
N ARG B 132 -16.53 -11.73 7.14
CA ARG B 132 -15.21 -11.98 6.61
C ARG B 132 -15.20 -12.01 5.09
N ARG B 133 -16.20 -12.66 4.49
CA ARG B 133 -16.27 -12.78 3.05
C ARG B 133 -16.41 -11.42 2.38
N ASN B 134 -17.29 -10.57 2.92
CA ASN B 134 -17.51 -9.25 2.32
C ASN B 134 -16.34 -8.31 2.57
N TYR B 135 -15.72 -8.39 3.76
CA TYR B 135 -14.55 -7.55 4.01
C TYR B 135 -13.35 -7.98 3.18
N ARG B 136 -13.10 -9.28 3.07
CA ARG B 136 -12.00 -9.75 2.23
C ARG B 136 -12.19 -9.31 0.78
N ARG B 137 -13.43 -9.30 0.30
CA ARG B 137 -13.65 -8.88 -1.09
C ARG B 137 -13.42 -7.38 -1.23
N ALA B 138 -13.83 -6.60 -0.23
CA ALA B 138 -13.52 -5.17 -0.24
C ALA B 138 -12.04 -4.91 -0.21
N LEU B 139 -11.31 -5.67 0.60
CA LEU B 139 -9.87 -5.49 0.69
C LEU B 139 -9.20 -5.82 -0.63
N ARG B 140 -9.52 -6.99 -1.16
CA ARG B 140 -8.94 -7.47 -2.42
C ARG B 140 -9.09 -6.47 -3.55
N GLU B 141 -10.30 -5.95 -3.70
CA GLU B 141 -10.58 -4.99 -4.77
C GLU B 141 -9.94 -3.63 -4.48
N GLY B 142 -9.90 -3.23 -3.21
CA GLY B 142 -9.18 -2.00 -2.86
C GLY B 142 -7.70 -2.10 -3.19
N ILE B 143 -7.12 -3.28 -3.02
CA ILE B 143 -5.70 -3.45 -3.30
C ILE B 143 -5.46 -3.47 -4.80
N VAL B 144 -6.24 -4.26 -5.53
CA VAL B 144 -6.10 -4.33 -6.98
C VAL B 144 -6.32 -2.97 -7.62
N ASP B 145 -7.35 -2.24 -7.21
CA ASP B 145 -7.66 -0.95 -7.82
C ASP B 145 -6.56 0.06 -7.58
N SER B 146 -5.93 0.01 -6.40
CA SER B 146 -4.85 0.94 -6.12
C SER B 146 -3.61 0.61 -6.93
N LYS B 147 -3.33 -0.69 -7.14
CA LYS B 147 -2.24 -1.06 -8.03
C LYS B 147 -2.54 -0.64 -9.47
N GLU B 148 -3.78 -0.90 -9.94
CA GLU B 148 -4.15 -0.48 -11.28
C GLU B 148 -4.07 1.04 -11.42
N ASP B 149 -4.42 1.76 -10.35
CA ASP B 149 -4.29 3.21 -10.38
C ASP B 149 -2.85 3.63 -10.58
N PHE B 150 -1.91 2.96 -9.91
CA PHE B 150 -0.50 3.22 -10.14
C PHE B 150 -0.09 2.87 -11.57
N GLU B 151 -0.57 1.74 -12.09
CA GLU B 151 -0.25 1.36 -13.46
C GLU B 151 -0.74 2.43 -14.46
N LEU B 152 -1.98 2.87 -14.30
CA LEU B 152 -2.48 3.97 -15.10
C LEU B 152 -1.55 5.19 -15.00
N ILE B 153 -1.24 5.60 -13.77
CA ILE B 153 -0.43 6.79 -13.55
C ILE B 153 0.94 6.64 -14.19
N LEU B 154 1.60 5.50 -13.95
CA LEU B 154 2.93 5.33 -14.48
C LEU B 154 2.92 5.24 -16.00
N LEU B 155 1.93 4.55 -16.56
CA LEU B 155 1.79 4.43 -18.01
C LEU B 155 1.67 5.81 -18.66
N ALA B 156 0.74 6.64 -18.16
CA ALA B 156 0.55 7.98 -18.70
C ALA B 156 1.81 8.82 -18.55
N LYS B 157 2.53 8.65 -17.44
CA LYS B 157 3.81 9.33 -17.27
C LYS B 157 4.79 8.95 -18.38
N GLU B 158 5.00 7.66 -18.59
CA GLU B 158 6.02 7.21 -19.54
C GLU B 158 5.65 7.58 -20.97
N LEU B 159 4.36 7.57 -21.29
CA LEU B 159 3.91 7.92 -22.62
C LEU B 159 3.71 9.42 -22.80
N ASP B 160 3.76 10.20 -21.72
CA ASP B 160 3.28 11.59 -21.70
C ASP B 160 1.88 11.69 -22.29
N ALA B 161 0.99 10.83 -21.80
CA ALA B 161 -0.37 10.75 -22.28
C ALA B 161 -1.33 11.42 -21.29
N THR B 162 -2.56 11.63 -21.75
CA THR B 162 -3.62 12.23 -20.96
C THR B 162 -4.47 11.13 -20.32
N ILE B 163 -4.59 11.17 -19.00
CA ILE B 163 -5.44 10.21 -18.30
C ILE B 163 -6.90 10.63 -18.45
N VAL B 164 -7.75 9.64 -18.73
CA VAL B 164 -9.18 9.85 -18.89
C VAL B 164 -9.85 9.04 -17.78
N SER B 165 -10.39 9.74 -16.79
CA SER B 165 -10.96 9.08 -15.62
C SER B 165 -12.03 9.95 -15.01
N ALA B 166 -12.97 9.31 -14.31
CA ALA B 166 -13.93 10.00 -13.45
C ALA B 166 -13.60 9.86 -11.97
N ASP B 167 -12.53 9.15 -11.65
CA ASP B 167 -12.16 8.85 -10.27
C ASP B 167 -11.39 10.01 -9.67
N VAL B 168 -11.95 10.61 -8.62
CA VAL B 168 -11.32 11.78 -8.01
C VAL B 168 -9.89 11.46 -7.56
N GLY B 169 -9.69 10.27 -6.97
CA GLY B 169 -8.36 9.92 -6.51
C GLY B 169 -7.32 9.95 -7.62
N ILE B 170 -7.65 9.39 -8.78
CA ILE B 170 -6.70 9.31 -9.90
C ILE B 170 -6.39 10.71 -10.44
N LEU B 171 -7.43 11.54 -10.62
CA LEU B 171 -7.23 12.86 -11.19
C LEU B 171 -6.40 13.75 -10.27
N THR B 172 -6.67 13.68 -8.97
CA THR B 172 -5.84 14.41 -8.01
C THR B 172 -4.41 13.92 -8.06
N TRP B 173 -4.22 12.61 -8.20
CA TRP B 173 -2.87 12.04 -8.30
C TRP B 173 -2.18 12.51 -9.57
N ALA B 174 -2.89 12.49 -10.70
CA ALA B 174 -2.33 13.02 -11.93
C ALA B 174 -1.95 14.49 -11.79
N GLN B 175 -2.87 15.32 -11.28
CA GLN B 175 -2.60 16.74 -11.06
C GLN B 175 -1.30 16.95 -10.30
N LYS B 176 -1.16 16.30 -9.14
CA LYS B 176 0.06 16.45 -8.34
C LYS B 176 1.31 16.12 -9.14
N MET B 177 1.25 15.08 -9.98
CA MET B 177 2.43 14.62 -10.71
C MET B 177 2.64 15.34 -12.04
N GLY B 178 1.82 16.36 -12.34
CA GLY B 178 1.98 17.02 -13.62
C GLY B 178 1.68 16.12 -14.80
N ILE B 179 0.69 15.23 -14.66
CA ILE B 179 0.24 14.38 -15.75
C ILE B 179 -1.04 14.98 -16.31
N LYS B 180 -1.14 15.09 -17.61
CA LYS B 180 -2.34 15.63 -18.24
C LYS B 180 -3.50 14.72 -17.95
N TRP B 181 -4.66 15.27 -17.72
CA TRP B 181 -5.86 14.48 -17.48
C TRP B 181 -7.07 15.25 -17.99
N VAL B 182 -8.17 14.52 -18.22
CA VAL B 182 -9.45 15.13 -18.55
C VAL B 182 -10.52 14.32 -17.82
N ASP B 183 -11.57 15.02 -17.37
CA ASP B 183 -12.70 14.39 -16.72
C ASP B 183 -13.43 13.51 -17.74
N ALA B 184 -13.55 12.21 -17.44
CA ALA B 184 -14.11 11.27 -18.41
C ALA B 184 -15.54 11.61 -18.77
N ALA B 185 -16.27 12.31 -17.89
CA ALA B 185 -17.63 12.73 -18.21
C ALA B 185 -17.69 13.65 -19.42
N ASN B 186 -16.59 14.31 -19.76
CA ASN B 186 -16.55 15.20 -20.92
C ASN B 186 -15.76 14.61 -22.10
N PHE B 187 -15.51 13.30 -22.09
CA PHE B 187 -14.60 12.74 -23.08
C PHE B 187 -15.25 12.66 -24.46
N ARG B 188 -16.52 12.26 -24.52
CA ARG B 188 -17.23 12.21 -25.80
C ARG B 188 -17.24 13.54 -26.43
N GLU B 189 -17.47 14.55 -25.60
CA GLU B 189 -17.47 15.91 -26.10
C GLU B 189 -16.11 16.26 -26.68
N LEU B 190 -15.04 15.79 -26.02
CA LEU B 190 -13.69 16.01 -26.51
C LEU B 190 -13.44 15.20 -27.77
N LEU B 191 -13.98 13.98 -27.82
CA LEU B 191 -13.79 13.14 -29.00
C LEU B 191 -14.51 13.72 -30.21
N GLU B 192 -15.72 14.22 -29.98
CA GLU B 192 -16.52 14.85 -31.01
C GLU B 192 -15.75 15.98 -31.62
N GLY B 193 -15.10 16.81 -30.83
CA GLY B 193 -14.34 17.93 -31.32
C GLY B 193 -13.08 17.54 -32.08
N LEU B 194 -12.50 16.39 -31.73
CA LEU B 194 -11.34 15.89 -32.47
C LEU B 194 -11.77 15.34 -33.83
N VAL B 195 -12.91 14.66 -33.87
CA VAL B 195 -13.43 14.08 -35.12
C VAL B 195 -13.76 15.17 -36.13
N LYS B 196 -14.45 16.23 -35.68
CA LYS B 196 -14.78 17.33 -36.58
C LYS B 196 -13.53 17.94 -37.18
N LYS B 197 -12.43 17.93 -36.44
CA LYS B 197 -11.13 18.31 -36.98
C LYS B 197 -10.66 17.25 -37.98
#